data_1TK1
#
_entry.id   1TK1
#
_cell.length_a   70.850
_cell.length_b   70.850
_cell.length_c   114.543
_cell.angle_alpha   90.00
_cell.angle_beta   90.00
_cell.angle_gamma   90.00
#
_symmetry.space_group_name_H-M   'P 41 21 2'
#
loop_
_entity.id
_entity.type
_entity.pdbx_description
1 polymer 'Coproporphyrinogen III oxidase'
2 water water
#
_entity_poly.entity_id   1
_entity_poly.type   'polypeptide(L)'
_entity_poly.pdbx_seq_one_letter_code
;DPRNLPIRQQMEALIRRKQAEITQGLESIDTVKFHADTWTRGNDGGGGTSMVIQDGTTFEKGGVNVSVVYGQLSPAAVSA
MKADHKNLRLPEDPKTGLPVTDGVKFFACGLSMVIHPVNPHAPTTHLNYRYFETWNQDGTPQTWWFGGGADLTPSYLYEE
DGQLFHQLHKDALDKHDTALYPRFKKWCDEYFYITHRKETRGIGGIFFDDYDERDPQEILKMVEDCFDAFLPSYLTIVKR
RKDMPYTKEEQQWQAIRRGR
;
_entity_poly.pdbx_strand_id   A
#
# COMPACT_ATOMS: atom_id res chain seq x y z
N ARG A 3 -15.24 -20.48 -8.21
CA ARG A 3 -15.02 -20.02 -9.62
C ARG A 3 -14.76 -18.52 -9.68
N ASN A 4 -15.82 -17.71 -9.71
CA ASN A 4 -15.67 -16.28 -9.90
C ASN A 4 -14.72 -16.09 -11.15
N LEU A 5 -14.15 -14.91 -11.33
CA LEU A 5 -13.04 -14.74 -12.25
C LEU A 5 -11.73 -15.31 -11.67
N PRO A 6 -10.72 -15.55 -12.52
CA PRO A 6 -9.38 -15.90 -12.02
C PRO A 6 -8.94 -14.88 -10.96
N ILE A 7 -8.17 -15.33 -9.98
CA ILE A 7 -7.63 -14.44 -8.93
C ILE A 7 -6.87 -13.26 -9.60
N ARG A 8 -6.04 -13.54 -10.59
CA ARG A 8 -5.32 -12.49 -11.31
C ARG A 8 -6.26 -11.37 -11.82
N GLN A 9 -7.43 -11.74 -12.35
CA GLN A 9 -8.35 -10.73 -12.84
C GLN A 9 -8.96 -9.92 -11.69
N GLN A 10 -9.33 -10.62 -10.63
CA GLN A 10 -10.02 -9.99 -9.53
C GLN A 10 -9.07 -9.01 -8.80
N MET A 11 -7.81 -9.40 -8.70
CA MET A 11 -6.79 -8.57 -8.00
C MET A 11 -6.55 -7.31 -8.84
N GLU A 12 -6.34 -7.47 -10.15
CA GLU A 12 -6.10 -6.27 -10.97
C GLU A 12 -7.28 -5.31 -10.90
N ALA A 13 -8.50 -5.83 -10.97
CA ALA A 13 -9.71 -5.02 -10.83
C ALA A 13 -9.75 -4.30 -9.49
N LEU A 14 -9.44 -5.05 -8.43
CA LEU A 14 -9.49 -4.48 -7.06
C LEU A 14 -8.53 -3.32 -6.95
N ILE A 15 -7.27 -3.50 -7.39
CA ILE A 15 -6.28 -2.41 -7.20
C ILE A 15 -6.58 -1.20 -8.05
N ARG A 16 -7.10 -1.43 -9.26
CA ARG A 16 -7.52 -0.25 -10.07
C ARG A 16 -8.70 0.51 -9.44
N ARG A 17 -9.65 -0.20 -8.84
CA ARG A 17 -10.77 0.47 -8.16
C ARG A 17 -10.21 1.19 -6.95
N LYS A 18 -9.29 0.57 -6.22
CA LYS A 18 -8.78 1.28 -5.05
C LYS A 18 -7.91 2.46 -5.37
N GLN A 19 -7.17 2.41 -6.48
CA GLN A 19 -6.39 3.59 -6.94
C GLN A 19 -7.32 4.83 -7.05
N ALA A 20 -8.47 4.62 -7.68
CA ALA A 20 -9.48 5.68 -7.93
C ALA A 20 -10.11 6.12 -6.61
N GLU A 21 -10.45 5.16 -5.74
N GLU A 21 -10.47 5.17 -5.76
CA GLU A 21 -11.11 5.44 -4.45
CA GLU A 21 -11.07 5.54 -4.48
C GLU A 21 -10.16 6.17 -3.49
C GLU A 21 -10.06 6.40 -3.72
N ILE A 22 -8.86 5.85 -3.57
CA ILE A 22 -7.87 6.48 -2.72
C ILE A 22 -7.50 7.87 -3.18
N THR A 23 -7.28 8.07 -4.49
CA THR A 23 -6.91 9.44 -4.94
C THR A 23 -8.08 10.40 -4.70
N GLN A 24 -9.31 9.91 -4.83
CA GLN A 24 -10.50 10.77 -4.62
C GLN A 24 -10.61 11.12 -3.16
N GLY A 25 -10.42 10.12 -2.29
CA GLY A 25 -10.43 10.35 -0.86
C GLY A 25 -9.38 11.34 -0.43
N LEU A 26 -8.14 11.17 -0.89
CA LEU A 26 -7.13 12.14 -0.57
C LEU A 26 -7.44 13.56 -1.12
N GLU A 27 -8.03 13.63 -2.32
CA GLU A 27 -8.34 14.92 -2.97
C GLU A 27 -9.37 15.64 -2.11
N SER A 28 -10.24 14.87 -1.45
CA SER A 28 -11.36 15.42 -0.66
C SER A 28 -10.88 16.30 0.49
N ILE A 29 -9.62 16.14 0.92
CA ILE A 29 -9.06 17.01 1.93
C ILE A 29 -7.96 17.94 1.46
N ASP A 30 -7.86 18.13 0.15
CA ASP A 30 -6.83 19.02 -0.38
C ASP A 30 -7.52 20.02 -1.32
N THR A 31 -6.76 20.88 -1.95
CA THR A 31 -7.28 21.89 -2.90
C THR A 31 -6.93 21.57 -4.36
N VAL A 32 -6.09 20.57 -4.52
CA VAL A 32 -5.37 20.24 -5.74
C VAL A 32 -5.83 18.82 -6.15
N LYS A 33 -5.61 18.44 -7.40
CA LYS A 33 -6.03 17.11 -7.86
C LYS A 33 -4.81 16.29 -8.22
N PHE A 34 -4.96 14.96 -8.17
CA PHE A 34 -3.92 14.10 -8.76
C PHE A 34 -4.00 14.22 -10.29
N HIS A 35 -2.87 14.11 -10.97
CA HIS A 35 -2.89 14.04 -12.42
C HIS A 35 -2.07 12.86 -12.85
N ALA A 36 -2.56 12.19 -13.89
CA ALA A 36 -1.97 10.96 -14.41
C ALA A 36 -0.59 11.21 -14.99
N GLY A 46 7.35 0.00 -19.51
CA GLY A 46 6.30 -0.09 -18.45
C GLY A 46 6.82 0.43 -17.14
N GLY A 47 6.23 1.52 -16.64
CA GLY A 47 5.00 2.02 -17.20
C GLY A 47 3.87 1.20 -16.58
N GLY A 48 3.41 1.68 -15.44
CA GLY A 48 2.09 1.32 -14.94
C GLY A 48 1.25 2.53 -15.24
N THR A 49 0.20 2.72 -14.46
CA THR A 49 -0.50 4.00 -14.44
C THR A 49 -0.27 4.74 -13.09
N SER A 50 0.47 5.85 -13.16
CA SER A 50 0.91 6.63 -11.98
C SER A 50 0.14 7.95 -11.86
N MET A 51 -0.59 8.14 -10.75
CA MET A 51 -1.30 9.37 -10.45
C MET A 51 -0.46 10.15 -9.43
N VAL A 52 -0.25 11.43 -9.67
CA VAL A 52 0.70 12.22 -8.86
C VAL A 52 0.02 13.51 -8.37
N ILE A 53 0.25 13.84 -7.10
CA ILE A 53 -0.20 15.12 -6.53
C ILE A 53 1.00 15.94 -6.11
N GLN A 54 0.93 17.25 -6.32
CA GLN A 54 2.07 18.10 -6.07
C GLN A 54 1.57 19.47 -5.62
N ASP A 55 2.27 20.04 -4.64
CA ASP A 55 1.98 21.43 -4.19
C ASP A 55 0.51 21.67 -3.88
N GLY A 56 -0.06 20.78 -3.10
CA GLY A 56 -1.38 20.99 -2.62
C GLY A 56 -1.27 21.85 -1.39
N THR A 57 -2.42 22.22 -0.86
CA THR A 57 -2.42 22.85 0.45
C THR A 57 -2.27 21.83 1.59
N THR A 58 -2.53 20.54 1.33
CA THR A 58 -2.44 19.51 2.39
C THR A 58 -1.29 18.56 2.07
N PHE A 59 -1.14 18.21 0.81
CA PHE A 59 -0.15 17.23 0.40
C PHE A 59 0.90 17.87 -0.46
N GLU A 60 2.13 17.75 -0.04
CA GLU A 60 3.25 18.38 -0.74
C GLU A 60 3.64 17.57 -2.01
N LYS A 61 3.76 16.26 -1.85
CA LYS A 61 4.03 15.43 -3.00
C LYS A 61 3.45 14.03 -2.68
N GLY A 62 2.91 13.35 -3.66
CA GLY A 62 2.43 11.96 -3.43
C GLY A 62 2.22 11.27 -4.76
N GLY A 63 2.12 9.93 -4.76
CA GLY A 63 1.88 9.25 -6.03
C GLY A 63 1.12 8.00 -5.66
N VAL A 64 0.19 7.58 -6.51
CA VAL A 64 -0.51 6.29 -6.36
C VAL A 64 -0.35 5.60 -7.74
N ASN A 65 0.33 4.43 -7.77
CA ASN A 65 0.66 3.75 -8.99
C ASN A 65 -0.01 2.38 -9.05
N VAL A 66 -0.51 1.99 -10.21
CA VAL A 66 -0.84 0.58 -10.43
C VAL A 66 0.02 0.10 -11.59
N SER A 67 0.66 -1.05 -11.40
CA SER A 67 1.49 -1.67 -12.43
C SER A 67 1.08 -3.11 -12.64
N VAL A 68 1.23 -3.55 -13.89
CA VAL A 68 0.93 -4.93 -14.33
C VAL A 68 2.12 -5.40 -15.13
N VAL A 69 2.58 -6.62 -14.90
CA VAL A 69 3.71 -7.15 -15.66
C VAL A 69 3.43 -8.63 -16.00
N TYR A 70 3.64 -8.99 -17.29
CA TYR A 70 3.58 -10.39 -17.77
C TYR A 70 4.96 -10.69 -18.35
N GLY A 71 5.46 -11.87 -18.10
CA GLY A 71 6.68 -12.23 -18.77
C GLY A 71 7.21 -13.56 -18.37
N GLN A 72 8.50 -13.71 -18.59
CA GLN A 72 9.26 -14.89 -18.20
C GLN A 72 10.32 -14.35 -17.24
N LEU A 73 10.77 -15.19 -16.33
CA LEU A 73 11.96 -14.90 -15.51
C LEU A 73 12.98 -15.96 -15.88
N SER A 74 14.17 -15.53 -16.27
CA SER A 74 15.29 -16.44 -16.60
C SER A 74 15.63 -17.36 -15.40
N PRO A 75 16.33 -18.48 -15.61
CA PRO A 75 16.82 -19.24 -14.46
C PRO A 75 17.86 -18.38 -13.70
N ALA A 76 18.61 -17.55 -14.42
CA ALA A 76 19.51 -16.59 -13.75
C ALA A 76 18.73 -15.70 -12.79
N ALA A 77 17.57 -15.19 -13.25
CA ALA A 77 16.67 -14.35 -12.46
C ALA A 77 16.07 -15.05 -11.25
N VAL A 78 15.47 -16.22 -11.50
CA VAL A 78 14.86 -17.01 -10.44
C VAL A 78 15.95 -17.40 -9.41
N SER A 79 17.14 -17.74 -9.92
CA SER A 79 18.28 -18.08 -9.05
C SER A 79 18.51 -16.94 -8.06
N ALA A 80 18.72 -15.74 -8.60
CA ALA A 80 18.92 -14.54 -7.79
C ALA A 80 17.76 -14.25 -6.81
N MET A 81 16.63 -14.92 -6.98
CA MET A 81 15.39 -14.54 -6.29
C MET A 81 14.90 -15.35 -5.09
N LYS A 82 15.17 -16.67 -5.01
CA LYS A 82 14.34 -17.55 -4.12
C LYS A 82 14.64 -17.66 -2.59
N ALA A 83 15.44 -16.76 -2.04
CA ALA A 83 15.54 -16.57 -0.58
C ALA A 83 14.18 -16.56 0.19
N ASP A 84 13.13 -15.98 -0.44
CA ASP A 84 11.93 -15.52 0.29
C ASP A 84 10.55 -15.96 -0.28
N HIS A 85 10.57 -16.96 -1.16
CA HIS A 85 9.32 -17.59 -1.62
C HIS A 85 9.30 -19.13 -1.48
N LYS A 86 8.35 -19.60 -0.66
CA LYS A 86 8.18 -21.03 -0.25
C LYS A 86 8.49 -22.06 -1.30
N ASP A 102 12.64 -24.32 -18.08
CA ASP A 102 13.76 -23.37 -17.79
C ASP A 102 13.27 -21.94 -17.51
N GLY A 103 13.62 -21.40 -16.35
CA GLY A 103 13.05 -20.11 -15.92
C GLY A 103 11.57 -20.32 -15.72
N VAL A 104 10.78 -19.24 -15.67
CA VAL A 104 9.34 -19.40 -15.46
C VAL A 104 8.50 -18.23 -15.96
N LYS A 105 7.32 -18.54 -16.47
CA LYS A 105 6.42 -17.51 -16.93
C LYS A 105 5.60 -17.01 -15.75
N PHE A 106 5.33 -15.71 -15.73
CA PHE A 106 4.63 -15.14 -14.60
C PHE A 106 3.77 -13.94 -14.98
N PHE A 107 2.84 -13.61 -14.09
CA PHE A 107 2.02 -12.39 -14.09
C PHE A 107 2.23 -11.76 -12.70
N ALA A 108 2.29 -10.44 -12.61
CA ALA A 108 2.22 -9.81 -11.29
C ALA A 108 1.53 -8.48 -11.47
N CYS A 109 0.92 -8.00 -10.39
CA CYS A 109 0.35 -6.69 -10.39
C CYS A 109 0.42 -6.12 -8.98
N GLY A 110 0.40 -4.80 -8.88
CA GLY A 110 0.36 -4.22 -7.58
C GLY A 110 0.08 -2.74 -7.61
N LEU A 111 -0.42 -2.26 -6.47
CA LEU A 111 -0.58 -0.82 -6.27
C LEU A 111 0.48 -0.38 -5.28
N SER A 112 1.08 0.79 -5.52
CA SER A 112 2.01 1.33 -4.53
C SER A 112 1.74 2.81 -4.38
N MET A 113 1.96 3.31 -3.16
CA MET A 113 1.70 4.71 -2.91
C MET A 113 2.63 5.27 -1.87
N VAL A 114 2.93 6.56 -2.01
N VAL A 114 2.97 6.54 -2.05
CA VAL A 114 3.60 7.29 -0.94
CA VAL A 114 3.58 7.35 -1.01
C VAL A 114 3.05 8.72 -0.96
C VAL A 114 2.88 8.70 -1.00
N ILE A 115 2.61 9.19 0.20
CA ILE A 115 1.98 10.54 0.34
C ILE A 115 2.74 11.30 1.44
N HIS A 116 3.19 12.53 1.14
CA HIS A 116 3.94 13.34 2.08
C HIS A 116 3.16 14.65 2.27
N PRO A 117 2.58 14.88 3.46
CA PRO A 117 1.85 16.11 3.72
C PRO A 117 2.76 17.31 3.81
N VAL A 118 2.18 18.48 3.50
CA VAL A 118 2.85 19.78 3.72
C VAL A 118 3.24 19.97 5.20
N ASN A 119 2.29 19.80 6.10
CA ASN A 119 2.48 20.11 7.49
C ASN A 119 3.24 19.02 8.23
N PRO A 120 4.34 19.32 8.93
CA PRO A 120 5.10 18.31 9.66
C PRO A 120 4.39 17.62 10.80
N HIS A 121 3.29 18.19 11.28
CA HIS A 121 2.46 17.49 12.23
C HIS A 121 1.71 16.28 11.67
N ALA A 122 1.51 16.27 10.35
CA ALA A 122 0.83 15.17 9.60
C ALA A 122 1.89 14.17 9.07
N PRO A 123 1.66 12.87 9.18
CA PRO A 123 2.70 11.89 8.84
C PRO A 123 2.75 11.45 7.38
N THR A 124 3.92 11.04 6.88
CA THR A 124 4.02 10.37 5.57
C THR A 124 3.38 9.00 5.69
N THR A 125 2.88 8.48 4.57
CA THR A 125 2.42 7.08 4.60
C THR A 125 2.93 6.36 3.33
N HIS A 126 3.15 5.06 3.46
CA HIS A 126 3.40 4.23 2.31
C HIS A 126 2.41 3.07 2.34
N LEU A 127 1.96 2.62 1.15
CA LEU A 127 1.03 1.48 1.10
C LEU A 127 1.37 0.73 -0.20
N ASN A 128 1.29 -0.60 -0.15
CA ASN A 128 1.63 -1.43 -1.32
C ASN A 128 0.85 -2.76 -1.14
N TYR A 129 0.04 -3.15 -2.13
CA TYR A 129 -0.57 -4.53 -2.12
C TYR A 129 -0.34 -5.10 -3.52
N ARG A 130 0.12 -6.35 -3.59
CA ARG A 130 0.52 -6.95 -4.87
C ARG A 130 0.26 -8.46 -4.82
N TYR A 131 0.35 -9.02 -6.01
CA TYR A 131 0.07 -10.42 -6.26
C TYR A 131 0.99 -10.88 -7.37
N PHE A 132 1.43 -12.15 -7.29
CA PHE A 132 2.37 -12.72 -8.25
C PHE A 132 1.88 -14.16 -8.47
N GLU A 133 1.89 -14.62 -9.72
CA GLU A 133 1.60 -16.04 -9.98
C GLU A 133 2.43 -16.51 -11.13
N THR A 134 2.86 -17.77 -11.06
CA THR A 134 3.53 -18.37 -12.22
C THR A 134 2.50 -19.13 -13.06
N TRP A 135 2.88 -19.35 -14.32
CA TRP A 135 2.08 -19.94 -15.39
C TRP A 135 2.91 -21.07 -16.02
N ASN A 136 2.80 -21.24 -17.35
CA ASN A 136 3.62 -22.25 -18.12
C ASN A 136 3.07 -23.69 -18.05
N GLN A 137 2.33 -24.06 -19.10
CA GLN A 137 1.17 -24.94 -19.06
C GLN A 137 0.29 -24.66 -17.81
N ASP A 138 -0.73 -23.81 -17.98
CA ASP A 138 -1.49 -23.26 -16.85
C ASP A 138 -2.30 -24.27 -15.98
N GLY A 139 -3.47 -24.71 -16.46
CA GLY A 139 -4.43 -25.48 -15.65
C GLY A 139 -5.00 -24.49 -14.65
N THR A 140 -4.41 -24.48 -13.46
CA THR A 140 -4.33 -23.28 -12.64
C THR A 140 -2.84 -22.90 -12.43
N PRO A 141 -2.13 -23.57 -11.52
CA PRO A 141 -0.94 -22.97 -10.93
C PRO A 141 0.43 -23.44 -11.46
N GLN A 142 1.45 -22.80 -10.90
CA GLN A 142 2.55 -23.53 -10.29
C GLN A 142 2.60 -22.92 -8.88
N THR A 143 2.91 -21.61 -8.77
CA THR A 143 2.89 -20.95 -7.47
C THR A 143 2.33 -19.55 -7.53
N TRP A 144 1.91 -19.00 -6.39
CA TRP A 144 1.37 -17.63 -6.36
C TRP A 144 1.53 -17.12 -4.93
N TRP A 145 1.49 -15.79 -4.76
CA TRP A 145 1.41 -15.24 -3.40
C TRP A 145 0.92 -13.82 -3.43
N PHE A 146 0.55 -13.30 -2.28
CA PHE A 146 0.25 -11.90 -2.13
C PHE A 146 1.30 -11.24 -1.21
N GLY A 147 1.42 -9.92 -1.31
CA GLY A 147 2.38 -9.23 -0.41
C GLY A 147 1.80 -7.83 -0.21
N GLY A 148 2.25 -7.18 0.85
CA GLY A 148 1.84 -5.81 1.02
C GLY A 148 1.94 -5.32 2.42
N GLY A 149 1.35 -4.15 2.59
CA GLY A 149 1.01 -3.60 3.93
C GLY A 149 1.09 -2.09 3.79
N ALA A 150 1.17 -1.44 4.94
CA ALA A 150 0.92 -0.04 5.01
C ALA A 150 1.57 0.47 6.29
N ASP A 151 2.16 1.67 6.22
CA ASP A 151 2.78 2.22 7.40
C ASP A 151 2.72 3.74 7.43
N LEU A 152 3.09 4.30 8.58
CA LEU A 152 3.20 5.75 8.64
C LEU A 152 4.63 6.07 9.08
N THR A 153 5.19 7.17 8.56
CA THR A 153 6.51 7.64 8.99
C THR A 153 6.29 9.09 9.44
N PRO A 154 6.23 9.31 10.74
CA PRO A 154 5.95 10.65 11.26
C PRO A 154 7.18 11.58 11.20
N SER A 155 6.92 12.89 11.15
CA SER A 155 7.96 13.86 11.45
C SER A 155 7.82 14.14 12.91
N TYR A 156 6.80 14.92 13.30
CA TYR A 156 6.38 14.88 14.70
C TYR A 156 5.61 13.63 14.98
N LEU A 157 5.85 13.04 16.13
CA LEU A 157 5.22 11.81 16.50
C LEU A 157 4.02 11.96 17.45
N TYR A 158 2.85 11.43 17.06
CA TYR A 158 1.67 11.40 17.93
C TYR A 158 1.28 9.96 18.05
N GLU A 159 1.54 9.40 19.23
CA GLU A 159 1.16 8.06 19.57
C GLU A 159 -0.29 7.68 19.27
N GLU A 160 -1.23 8.59 19.47
CA GLU A 160 -2.63 8.35 19.14
C GLU A 160 -2.84 8.10 17.64
N ASP A 161 -2.09 8.80 16.80
CA ASP A 161 -2.26 8.61 15.35
C ASP A 161 -1.79 7.18 14.98
N GLY A 162 -0.64 6.78 15.52
CA GLY A 162 -0.12 5.41 15.34
C GLY A 162 -1.13 4.39 15.83
N GLN A 163 -1.75 4.69 16.97
CA GLN A 163 -2.69 3.75 17.58
C GLN A 163 -3.93 3.61 16.71
N LEU A 164 -4.47 4.70 16.17
CA LEU A 164 -5.66 4.56 15.29
C LEU A 164 -5.28 3.78 14.00
N PHE A 165 -4.18 4.18 13.41
CA PHE A 165 -3.69 3.48 12.19
C PHE A 165 -3.61 1.97 12.45
N HIS A 166 -2.94 1.57 13.52
CA HIS A 166 -2.86 0.17 13.89
C HIS A 166 -4.20 -0.45 14.19
N GLN A 167 -5.05 0.24 14.94
CA GLN A 167 -6.36 -0.33 15.29
C GLN A 167 -7.17 -0.71 14.06
N LEU A 168 -7.23 0.15 13.06
CA LEU A 168 -8.11 -0.10 11.94
C LEU A 168 -7.54 -1.17 11.05
N HIS A 169 -6.20 -1.24 10.99
CA HIS A 169 -5.60 -2.39 10.23
C HIS A 169 -5.75 -3.70 10.97
N LYS A 170 -5.59 -3.65 12.30
CA LYS A 170 -5.94 -4.79 13.15
C LYS A 170 -7.39 -5.24 12.93
N ASP A 171 -8.32 -4.30 12.94
CA ASP A 171 -9.72 -4.62 12.76
C ASP A 171 -9.92 -5.28 11.41
N ALA A 172 -9.25 -4.79 10.35
CA ALA A 172 -9.38 -5.42 9.00
C ALA A 172 -8.88 -6.86 9.08
N LEU A 173 -7.72 -7.07 9.66
CA LEU A 173 -7.14 -8.44 9.71
C LEU A 173 -7.92 -9.40 10.61
N ASP A 174 -8.49 -8.85 11.70
CA ASP A 174 -9.31 -9.64 12.62
C ASP A 174 -10.61 -10.15 11.96
N LYS A 175 -11.10 -9.50 10.91
CA LYS A 175 -12.24 -10.05 10.15
C LYS A 175 -11.92 -11.43 9.57
N HIS A 176 -10.64 -11.78 9.46
CA HIS A 176 -10.19 -13.05 8.85
C HIS A 176 -9.57 -14.01 9.83
N ASP A 177 -8.67 -13.51 10.63
CA ASP A 177 -8.37 -14.13 11.88
C ASP A 177 -7.42 -13.41 12.74
N THR A 178 -7.69 -13.54 14.03
CA THR A 178 -7.08 -12.68 15.03
C THR A 178 -5.62 -13.00 15.19
N ALA A 179 -5.15 -14.12 14.64
CA ALA A 179 -3.70 -14.41 14.61
C ALA A 179 -2.87 -13.54 13.63
N LEU A 180 -3.53 -12.97 12.62
CA LEU A 180 -2.79 -12.31 11.53
C LEU A 180 -2.13 -11.01 11.97
N TYR A 181 -2.88 -10.17 12.67
CA TYR A 181 -2.31 -8.86 13.06
C TYR A 181 -1.02 -8.98 13.93
N PRO A 182 -1.04 -9.77 15.02
CA PRO A 182 0.17 -9.96 15.80
C PRO A 182 1.35 -10.42 14.95
N ARG A 183 1.08 -11.18 13.89
CA ARG A 183 2.15 -11.69 13.03
C ARG A 183 2.64 -10.62 12.01
N PHE A 184 1.68 -9.88 11.46
CA PHE A 184 1.96 -8.88 10.37
C PHE A 184 2.37 -7.50 10.91
N LYS A 185 2.14 -7.25 12.19
CA LYS A 185 2.53 -5.95 12.70
C LYS A 185 4.04 -5.76 12.70
N LYS A 186 4.46 -4.57 12.30
CA LYS A 186 5.82 -4.08 12.50
C LYS A 186 6.82 -4.70 11.56
N GLY A 202 8.88 5.56 16.45
CA GLY A 202 8.16 5.53 15.12
C GLY A 202 6.79 4.89 15.29
N ILE A 203 6.10 4.64 14.17
CA ILE A 203 4.72 4.12 14.19
C ILE A 203 4.64 2.72 13.55
N GLY A 204 5.34 2.54 12.43
CA GLY A 204 5.27 1.24 11.74
C GLY A 204 3.89 1.04 11.13
N GLY A 205 3.40 -0.20 11.17
CA GLY A 205 2.14 -0.54 10.48
C GLY A 205 2.07 -2.07 10.33
N ILE A 206 1.65 -2.55 9.13
CA ILE A 206 1.58 -4.02 8.91
C ILE A 206 2.36 -4.37 7.64
N PHE A 207 2.91 -5.57 7.59
CA PHE A 207 3.65 -6.04 6.37
C PHE A 207 3.54 -7.55 6.26
N PHE A 208 3.31 -8.09 5.06
CA PHE A 208 3.35 -9.54 4.89
C PHE A 208 3.92 -9.75 3.50
N ASP A 209 4.48 -10.93 3.26
CA ASP A 209 4.90 -11.23 1.90
C ASP A 209 4.93 -12.73 1.76
N ASP A 210 5.11 -13.16 0.52
CA ASP A 210 5.02 -14.61 0.19
C ASP A 210 3.82 -15.29 0.79
N TYR A 211 2.70 -14.62 0.83
CA TYR A 211 1.56 -15.06 1.56
C TYR A 211 0.58 -15.79 0.66
N ASP A 212 0.57 -17.13 0.81
CA ASP A 212 -0.29 -18.00 0.00
C ASP A 212 -0.91 -19.09 0.89
N GLU A 213 -1.26 -18.75 2.14
CA GLU A 213 -1.51 -19.78 3.15
C GLU A 213 -2.97 -20.20 3.22
N ARG A 214 -3.85 -19.52 2.46
CA ARG A 214 -5.27 -19.76 2.52
C ARG A 214 -5.82 -19.72 1.10
N ASP A 215 -7.11 -20.02 0.95
CA ASP A 215 -7.78 -19.97 -0.36
C ASP A 215 -7.48 -18.54 -0.86
N PRO A 216 -6.96 -18.36 -2.08
CA PRO A 216 -6.66 -16.98 -2.58
C PRO A 216 -7.91 -16.11 -2.67
N GLN A 217 -9.10 -16.71 -2.73
CA GLN A 217 -10.33 -15.89 -2.68
C GLN A 217 -10.49 -15.19 -1.34
N GLU A 218 -10.16 -15.89 -0.26
CA GLU A 218 -10.20 -15.27 1.08
C GLU A 218 -9.09 -14.21 1.24
N ILE A 219 -7.91 -14.50 0.71
CA ILE A 219 -6.80 -13.57 0.84
C ILE A 219 -7.12 -12.31 0.02
N LEU A 220 -7.76 -12.48 -1.12
CA LEU A 220 -8.30 -11.31 -1.82
C LEU A 220 -9.17 -10.45 -0.96
N LYS A 221 -10.14 -11.04 -0.26
CA LYS A 221 -10.99 -10.28 0.65
C LYS A 221 -10.17 -9.63 1.78
N MET A 222 -9.18 -10.33 2.32
CA MET A 222 -8.31 -9.73 3.38
C MET A 222 -7.60 -8.48 2.84
N VAL A 223 -7.10 -8.57 1.62
CA VAL A 223 -6.45 -7.42 0.93
C VAL A 223 -7.43 -6.30 0.75
N GLU A 224 -8.61 -6.59 0.18
CA GLU A 224 -9.68 -5.54 0.16
C GLU A 224 -9.92 -4.91 1.53
N ASP A 225 -10.04 -5.70 2.57
CA ASP A 225 -10.37 -5.15 3.88
C ASP A 225 -9.18 -4.29 4.40
N CYS A 226 -7.97 -4.71 4.07
CA CYS A 226 -6.78 -3.92 4.46
C CYS A 226 -6.75 -2.59 3.73
N PHE A 227 -7.03 -2.64 2.42
CA PHE A 227 -7.19 -1.37 1.70
C PHE A 227 -8.17 -0.43 2.40
N ASP A 228 -9.29 -0.97 2.87
CA ASP A 228 -10.38 -0.15 3.45
C ASP A 228 -10.06 0.36 4.83
N ALA A 229 -8.95 -0.13 5.39
CA ALA A 229 -8.45 0.42 6.63
C ALA A 229 -7.72 1.77 6.38
N PHE A 230 -7.29 1.98 5.13
CA PHE A 230 -6.43 3.13 4.82
C PHE A 230 -7.12 4.48 4.94
N LEU A 231 -8.18 4.75 4.14
CA LEU A 231 -8.71 6.10 4.18
C LEU A 231 -9.30 6.51 5.52
N PRO A 232 -10.06 5.65 6.19
CA PRO A 232 -10.59 6.02 7.51
C PRO A 232 -9.47 6.36 8.50
N SER A 233 -8.31 5.69 8.44
CA SER A 233 -7.23 6.04 9.42
C SER A 233 -6.47 7.29 8.94
N TYR A 234 -6.03 7.31 7.67
CA TYR A 234 -5.13 8.34 7.21
C TYR A 234 -5.90 9.68 7.08
N LEU A 235 -7.14 9.66 6.56
CA LEU A 235 -7.86 10.97 6.37
C LEU A 235 -8.17 11.55 7.76
N THR A 236 -8.46 10.68 8.73
CA THR A 236 -8.74 11.11 10.11
C THR A 236 -7.50 11.77 10.71
N ILE A 237 -6.35 11.09 10.55
CA ILE A 237 -5.09 11.59 11.08
C ILE A 237 -4.72 12.90 10.38
N VAL A 238 -4.79 12.94 9.04
CA VAL A 238 -4.35 14.18 8.37
C VAL A 238 -5.26 15.36 8.74
N LYS A 239 -6.56 15.12 8.81
CA LYS A 239 -7.51 16.18 9.22
C LYS A 239 -7.14 16.78 10.53
N ARG A 240 -6.80 15.95 11.50
CA ARG A 240 -6.52 16.41 12.84
C ARG A 240 -5.11 16.96 13.05
N ARG A 241 -4.29 16.96 11.99
CA ARG A 241 -2.93 17.49 12.07
C ARG A 241 -2.63 18.60 11.09
N LYS A 242 -3.33 18.64 9.94
CA LYS A 242 -2.94 19.49 8.78
C LYS A 242 -3.05 20.99 9.04
N ASP A 243 -3.90 21.35 10.01
CA ASP A 243 -4.02 22.76 10.34
C ASP A 243 -3.36 23.12 11.64
N MET A 244 -2.51 22.24 12.20
CA MET A 244 -1.77 22.63 13.40
C MET A 244 -0.72 23.66 13.00
N PRO A 245 -0.52 24.71 13.81
CA PRO A 245 0.49 25.73 13.49
C PRO A 245 1.92 25.19 13.50
N TYR A 246 2.73 25.69 12.57
CA TYR A 246 4.16 25.37 12.50
C TYR A 246 4.87 26.50 11.79
N THR A 247 6.16 26.62 12.05
CA THR A 247 6.95 27.59 11.35
C THR A 247 7.75 26.90 10.26
N LYS A 248 8.21 27.72 9.33
CA LYS A 248 9.12 27.26 8.30
C LYS A 248 10.35 26.54 8.90
N GLU A 249 10.92 27.05 9.99
CA GLU A 249 12.08 26.36 10.59
C GLU A 249 11.78 24.96 11.15
N GLU A 250 10.58 24.75 11.74
CA GLU A 250 10.20 23.41 12.22
C GLU A 250 10.10 22.48 11.02
N GLN A 251 9.49 22.98 9.94
CA GLN A 251 9.39 22.17 8.72
C GLN A 251 10.76 21.87 8.10
N GLN A 252 11.68 22.83 8.10
CA GLN A 252 13.02 22.59 7.54
C GLN A 252 13.85 21.60 8.39
N TRP A 253 13.72 21.71 9.70
CA TRP A 253 14.43 20.79 10.60
C TRP A 253 13.87 19.36 10.40
N GLN A 254 12.55 19.19 10.35
CA GLN A 254 11.98 17.83 10.13
C GLN A 254 12.46 17.23 8.78
N ALA A 255 12.55 18.06 7.76
CA ALA A 255 13.12 17.71 6.43
C ALA A 255 14.61 17.24 6.52
N ILE A 256 15.41 17.96 7.31
CA ILE A 256 16.78 17.57 7.59
C ILE A 256 16.84 16.23 8.32
N ARG A 257 15.97 16.08 9.32
CA ARG A 257 16.00 14.89 10.19
C ARG A 257 15.62 13.65 9.35
N ARG A 258 14.64 13.82 8.46
CA ARG A 258 14.03 12.72 7.70
C ARG A 258 14.67 12.55 6.34
N GLY A 259 15.33 13.59 5.84
CA GLY A 259 15.87 13.56 4.48
C GLY A 259 14.94 14.24 3.47
N ARG A 260 15.54 14.88 2.48
CA ARG A 260 14.94 14.92 1.12
C ARG A 260 13.71 15.79 0.98
#